data_8Q93
#
_entry.id   8Q93
#
_cell.length_a   155.615
_cell.length_b   155.615
_cell.length_c   155.615
_cell.angle_alpha   90.00
_cell.angle_beta   90.00
_cell.angle_gamma   90.00
#
_symmetry.space_group_name_H-M   'P 4 3 2'
#
loop_
_entity.id
_entity.type
_entity.pdbx_description
1 polymer 'Spike protein S1'
2 polymer 'Nanobody Re21D01'
3 polymer 'Nanobody Re30H02'
#
loop_
_entity_poly.entity_id
_entity_poly.type
_entity_poly.pdbx_seq_one_letter_code
_entity_poly.pdbx_strand_id
1 'polypeptide(L)'
;EGSNLCPFGEVFDATRFASVYAWNRKRISNCVADYSVLYNSASFSTFKCYGVSPTKLNDLCFTNVYADSFVIRGDEVRQI
APGQTGKIADYNYKLPDDFTGCVIAWNSNNLDSKVGGNYNYLYRLFRKSNLKPFERDISTEIYQAGSTPCNGVEGFNCYF
PLQSYGFQPTNGVGYQPYRVVVLSFELLHAPATVCG
;
A
2 'polypeptide(L)'
;EGSQVQLVESGGALVQPGGSLRLSCVASGFTFSSFAMGWYRQAPGKECEWVATITITGGSTNYADSVKGRFTISRDNAKN
TVYLQMNSLKPEDTAVYYCNPDPGCRRGQGTQVTVSS
;
B
3 'polypeptide(L)'
;GEVQLVESGGDSVQPGDSLRLSCAISGFTLDYYTIGWFRQAPGKEREGVSCIGSSDSSTSYADAVKGRFTISSDNAKNTV
YLQMNNLKPEDTAVYYCAAGPATYYGGNWHHTCHANAMHYWGKGTLVTVSE
;
C
#
# COMPACT_ATOMS: atom_id res chain seq x y z
N SER A 3 33.19 -11.31 -18.29
CA SER A 3 32.61 -12.58 -18.68
C SER A 3 31.28 -12.38 -19.41
N ASN A 4 31.00 -11.13 -19.78
CA ASN A 4 29.75 -10.74 -20.46
C ASN A 4 28.52 -11.02 -19.59
N LEU A 5 28.57 -10.50 -18.37
CA LEU A 5 27.49 -10.71 -17.41
C LEU A 5 26.36 -9.70 -17.62
N CYS A 6 25.14 -10.11 -17.29
CA CYS A 6 23.97 -9.29 -17.56
C CYS A 6 23.93 -8.06 -16.65
N PRO A 7 23.45 -6.92 -17.16
CA PRO A 7 23.40 -5.69 -16.35
C PRO A 7 22.23 -5.66 -15.37
N PHE A 8 22.24 -6.60 -14.43
CA PHE A 8 21.19 -6.62 -13.42
C PHE A 8 21.27 -5.40 -12.51
N GLY A 9 22.48 -4.92 -12.24
CA GLY A 9 22.61 -3.75 -11.39
C GLY A 9 21.90 -2.52 -11.92
N GLU A 10 21.82 -2.38 -13.25
CA GLU A 10 21.21 -1.20 -13.83
C GLU A 10 19.73 -1.12 -13.48
N VAL A 11 19.04 -2.27 -13.48
CA VAL A 11 17.63 -2.29 -13.11
C VAL A 11 17.47 -2.08 -11.61
N PHE A 12 18.16 -2.92 -10.83
CA PHE A 12 17.91 -3.00 -9.39
C PHE A 12 18.45 -1.79 -8.64
N ASP A 13 19.59 -1.25 -9.04
CA ASP A 13 20.26 -0.19 -8.31
C ASP A 13 20.12 1.17 -8.98
N ALA A 14 19.02 1.43 -9.65
CA ALA A 14 18.84 2.72 -10.29
C ALA A 14 18.54 3.79 -9.24
N THR A 15 19.05 5.00 -9.50
CA THR A 15 18.83 6.10 -8.57
C THR A 15 17.34 6.38 -8.37
N ARG A 16 16.57 6.46 -9.45
CA ARG A 16 15.13 6.70 -9.35
C ARG A 16 14.37 5.64 -10.13
N PHE A 17 13.22 5.23 -9.59
CA PHE A 17 12.31 4.32 -10.28
C PHE A 17 11.08 5.07 -10.79
N ALA A 18 10.30 4.36 -11.61
CA ALA A 18 9.12 4.93 -12.24
C ALA A 18 7.89 4.76 -11.38
N SER A 19 7.00 5.75 -11.43
CA SER A 19 5.70 5.61 -10.81
C SER A 19 4.95 4.45 -11.46
N VAL A 20 4.18 3.73 -10.66
CA VAL A 20 3.62 2.46 -11.12
C VAL A 20 2.71 2.65 -12.33
N TYR A 21 1.98 3.77 -12.39
CA TYR A 21 1.11 4.04 -13.55
C TYR A 21 1.93 4.12 -14.83
N ALA A 22 3.18 4.57 -14.73
CA ALA A 22 4.08 4.68 -15.88
C ALA A 22 5.28 3.76 -15.69
N TRP A 23 5.04 2.49 -15.42
CA TRP A 23 6.11 1.58 -15.02
C TRP A 23 7.16 1.44 -16.12
N ASN A 24 8.40 1.26 -15.69
CA ASN A 24 9.51 1.24 -16.64
C ASN A 24 9.82 -0.20 -17.02
N ARG A 25 10.28 -0.41 -18.25
CA ARG A 25 10.54 -1.76 -18.74
C ARG A 25 11.85 -1.82 -19.51
N LYS A 26 12.71 -2.78 -19.13
CA LYS A 26 14.02 -3.01 -19.71
C LYS A 26 14.07 -4.42 -20.28
N ARG A 27 14.65 -4.58 -21.47
CA ARG A 27 14.87 -5.90 -22.07
C ARG A 27 16.30 -6.35 -21.76
N ILE A 28 16.44 -7.58 -21.28
CA ILE A 28 17.74 -8.20 -21.06
C ILE A 28 18.05 -9.12 -22.22
N SER A 29 19.20 -8.91 -22.86
CA SER A 29 19.61 -9.77 -23.96
C SER A 29 21.11 -9.70 -24.17
N ASN A 30 21.62 -10.67 -24.93
CA ASN A 30 23.04 -10.75 -25.32
C ASN A 30 23.95 -10.70 -24.10
N CYS A 31 23.60 -11.48 -23.07
CA CYS A 31 24.41 -11.54 -21.87
C CYS A 31 24.09 -12.84 -21.13
N VAL A 32 25.11 -13.42 -20.49
CA VAL A 32 24.91 -14.60 -19.67
C VAL A 32 24.43 -14.16 -18.29
N ALA A 33 23.31 -14.73 -17.85
CA ALA A 33 22.66 -14.32 -16.61
C ALA A 33 22.68 -15.46 -15.62
N ASP A 34 23.18 -15.18 -14.42
CA ASP A 34 23.08 -16.09 -13.28
C ASP A 34 21.97 -15.56 -12.38
N TYR A 35 20.80 -16.20 -12.45
CA TYR A 35 19.65 -15.71 -11.68
C TYR A 35 19.77 -15.97 -10.19
N SER A 36 20.65 -16.90 -9.79
CA SER A 36 20.75 -17.23 -8.37
C SER A 36 21.19 -16.02 -7.55
N VAL A 37 22.02 -15.14 -8.12
CA VAL A 37 22.53 -13.98 -7.41
C VAL A 37 21.37 -13.06 -7.06
N LEU A 38 20.18 -13.38 -7.55
CA LEU A 38 18.98 -12.66 -7.18
C LEU A 38 18.12 -13.41 -6.17
N TYR A 39 17.95 -14.72 -6.31
CA TYR A 39 17.07 -15.44 -5.40
C TYR A 39 17.78 -15.97 -4.17
N ASN A 40 19.08 -15.72 -4.05
CA ASN A 40 19.82 -16.05 -2.84
C ASN A 40 20.11 -14.83 -2.00
N SER A 41 19.60 -13.68 -2.38
CA SER A 41 19.80 -12.43 -1.63
C SER A 41 18.62 -12.22 -0.71
N ALA A 42 18.89 -12.20 0.59
CA ALA A 42 17.84 -11.95 1.59
C ALA A 42 17.49 -10.47 1.70
N SER A 43 18.10 -9.61 0.90
CA SER A 43 17.75 -8.21 0.90
C SER A 43 16.41 -7.93 0.24
N PHE A 44 15.87 -8.90 -0.51
CA PHE A 44 14.53 -8.80 -1.08
C PHE A 44 13.53 -9.39 -0.09
N SER A 45 12.71 -8.52 0.51
CA SER A 45 11.75 -9.00 1.52
C SER A 45 10.71 -9.90 0.89
N THR A 46 10.37 -9.69 -0.38
CA THR A 46 9.43 -10.60 -1.03
C THR A 46 9.97 -11.01 -2.40
N PHE A 47 9.80 -12.29 -2.72
CA PHE A 47 10.45 -12.87 -3.89
C PHE A 47 9.56 -14.03 -4.33
N LYS A 48 8.82 -13.85 -5.43
CA LYS A 48 7.70 -14.73 -5.79
C LYS A 48 7.91 -15.25 -7.19
N CYS A 49 7.71 -16.55 -7.40
CA CYS A 49 7.86 -17.07 -8.75
C CYS A 49 6.66 -17.91 -9.16
N TYR A 50 6.18 -17.65 -10.37
CA TYR A 50 4.99 -18.28 -10.93
C TYR A 50 5.36 -18.90 -12.27
N GLY A 51 4.83 -20.09 -12.52
CA GLY A 51 5.03 -20.74 -13.80
C GLY A 51 6.39 -21.38 -13.97
N VAL A 52 7.36 -21.02 -13.13
CA VAL A 52 8.71 -21.57 -13.24
C VAL A 52 9.23 -21.94 -11.85
N SER A 53 10.22 -22.84 -11.86
CA SER A 53 10.92 -23.23 -10.65
C SER A 53 12.18 -22.41 -10.53
N PRO A 54 12.37 -21.65 -9.45
CA PRO A 54 13.54 -20.77 -9.37
C PRO A 54 14.88 -21.48 -9.49
N THR A 55 15.04 -22.64 -8.84
CA THR A 55 16.32 -23.33 -8.92
C THR A 55 16.64 -23.88 -10.30
N LYS A 56 15.71 -23.81 -11.25
CA LYS A 56 15.93 -24.31 -12.60
C LYS A 56 16.02 -23.20 -13.64
N LEU A 57 16.19 -21.95 -13.21
CA LEU A 57 16.21 -20.83 -14.14
C LEU A 57 17.50 -20.78 -14.97
N ASN A 58 18.62 -21.18 -14.40
CA ASN A 58 19.86 -21.19 -15.17
C ASN A 58 19.92 -22.34 -16.16
N ASP A 59 18.97 -23.29 -16.10
CA ASP A 59 18.92 -24.44 -16.98
C ASP A 59 17.80 -24.34 -18.02
N LEU A 60 17.19 -23.17 -18.18
CA LEU A 60 16.08 -23.02 -19.10
C LEU A 60 16.49 -22.16 -20.28
N CYS A 61 15.71 -22.23 -21.36
CA CYS A 61 15.98 -21.49 -22.58
C CYS A 61 14.91 -20.43 -22.81
N PHE A 62 15.33 -19.17 -22.92
CA PHE A 62 14.40 -18.06 -23.11
C PHE A 62 14.64 -17.39 -24.46
N THR A 63 13.55 -16.91 -25.05
CA THR A 63 13.53 -16.06 -26.23
C THR A 63 13.63 -14.59 -25.84
N ASN A 64 12.78 -14.16 -24.91
CA ASN A 64 12.72 -12.81 -24.37
C ASN A 64 12.88 -12.85 -22.87
N VAL A 65 13.38 -11.75 -22.31
CA VAL A 65 13.49 -11.56 -20.87
C VAL A 65 13.24 -10.08 -20.59
N TYR A 66 12.11 -9.76 -19.96
CA TYR A 66 11.79 -8.38 -19.60
C TYR A 66 11.93 -8.18 -18.10
N ALA A 67 12.24 -6.93 -17.71
CA ALA A 67 12.32 -6.51 -16.31
C ALA A 67 11.56 -5.20 -16.16
N ASP A 68 10.44 -5.24 -15.44
CA ASP A 68 9.60 -4.06 -15.22
C ASP A 68 9.85 -3.54 -13.81
N SER A 69 10.26 -2.29 -13.70
CA SER A 69 10.57 -1.68 -12.41
C SER A 69 9.61 -0.55 -12.10
N PHE A 70 9.19 -0.46 -10.84
CA PHE A 70 8.37 0.65 -10.38
C PHE A 70 8.35 0.65 -8.85
N VAL A 71 7.47 1.49 -8.28
CA VAL A 71 7.43 1.76 -6.85
C VAL A 71 5.97 1.80 -6.41
N ILE A 72 5.63 1.04 -5.36
CA ILE A 72 4.30 1.10 -4.76
C ILE A 72 4.45 1.07 -3.26
N ARG A 73 3.40 0.65 -2.55
CA ARG A 73 3.46 0.59 -1.10
C ARG A 73 3.20 -0.84 -0.62
N GLY A 74 3.60 -1.10 0.63
CA GLY A 74 3.69 -2.47 1.12
C GLY A 74 2.44 -3.30 0.85
N ASP A 75 1.27 -2.75 1.18
CA ASP A 75 0.00 -3.44 0.92
C ASP A 75 -0.04 -3.99 -0.49
N GLU A 76 0.13 -3.09 -1.46
CA GLU A 76 -0.15 -3.33 -2.86
C GLU A 76 0.73 -4.39 -3.49
N VAL A 77 1.81 -4.82 -2.82
CA VAL A 77 2.63 -5.90 -3.36
C VAL A 77 1.82 -7.19 -3.43
N ARG A 78 0.80 -7.34 -2.58
CA ARG A 78 -0.15 -8.44 -2.73
C ARG A 78 -0.61 -8.57 -4.17
N GLN A 79 -0.93 -7.41 -4.77
CA GLN A 79 -1.59 -7.31 -6.07
C GLN A 79 -0.65 -7.58 -7.25
N ILE A 80 0.66 -7.55 -7.03
CA ILE A 80 1.57 -7.89 -8.12
C ILE A 80 1.67 -9.41 -8.13
N ALA A 81 0.75 -10.04 -8.82
CA ALA A 81 0.56 -11.49 -8.85
C ALA A 81 -0.52 -11.83 -9.86
N PRO A 82 -0.56 -13.06 -10.37
CA PRO A 82 -1.65 -13.46 -11.26
C PRO A 82 -3.00 -13.45 -10.55
N GLY A 83 -4.02 -12.96 -11.26
CA GLY A 83 -5.39 -13.04 -10.77
C GLY A 83 -5.66 -12.27 -9.50
N GLN A 84 -5.11 -11.06 -9.37
CA GLN A 84 -5.37 -10.21 -8.22
C GLN A 84 -6.28 -9.06 -8.61
N THR A 85 -6.87 -8.43 -7.60
CA THR A 85 -7.77 -7.31 -7.77
C THR A 85 -7.32 -6.15 -6.89
N GLY A 86 -7.84 -4.96 -7.16
CA GLY A 86 -7.46 -3.77 -6.43
C GLY A 86 -6.96 -2.68 -7.36
N LYS A 87 -6.64 -1.53 -6.75
CA LYS A 87 -6.31 -0.35 -7.55
C LYS A 87 -5.08 -0.56 -8.42
N ILE A 88 -4.08 -1.26 -7.91
CA ILE A 88 -2.85 -1.43 -8.68
C ILE A 88 -3.04 -2.46 -9.78
N ALA A 89 -3.64 -3.60 -9.45
CA ALA A 89 -3.89 -4.64 -10.43
C ALA A 89 -4.94 -4.23 -11.46
N ASP A 90 -5.80 -3.28 -11.14
CA ASP A 90 -6.89 -2.91 -12.03
C ASP A 90 -6.58 -1.69 -12.89
N TYR A 91 -5.85 -0.71 -12.35
CA TYR A 91 -5.63 0.55 -13.05
C TYR A 91 -4.16 0.87 -13.35
N ASN A 92 -3.23 0.03 -12.93
CA ASN A 92 -1.82 0.42 -13.06
C ASN A 92 -0.94 -0.65 -13.68
N TYR A 93 -0.91 -1.85 -13.10
CA TYR A 93 0.00 -2.90 -13.56
C TYR A 93 -0.63 -4.26 -13.28
N LYS A 94 -1.08 -4.96 -14.34
CA LYS A 94 -1.68 -6.28 -14.17
C LYS A 94 -0.87 -7.36 -14.88
N LEU A 95 -0.57 -8.44 -14.15
CA LEU A 95 -0.02 -9.69 -14.64
C LEU A 95 -1.16 -10.63 -15.07
N PRO A 96 -1.01 -11.29 -16.21
CA PRO A 96 -2.04 -12.21 -16.67
C PRO A 96 -2.08 -13.44 -15.77
N ASP A 97 -3.16 -14.21 -15.92
CA ASP A 97 -3.30 -15.42 -15.13
C ASP A 97 -2.21 -16.43 -15.49
N ASP A 98 -1.80 -16.48 -16.76
CA ASP A 98 -0.74 -17.37 -17.21
C ASP A 98 0.65 -16.78 -17.02
N PHE A 99 0.81 -15.86 -16.06
CA PHE A 99 2.10 -15.24 -15.81
C PHE A 99 3.14 -16.31 -15.52
N THR A 100 4.24 -16.28 -16.25
CA THR A 100 5.39 -17.13 -15.95
C THR A 100 6.60 -16.22 -15.78
N GLY A 101 6.98 -15.98 -14.52
CA GLY A 101 8.09 -15.12 -14.18
C GLY A 101 8.24 -14.97 -12.67
N CYS A 102 8.74 -13.83 -12.21
CA CYS A 102 9.01 -13.62 -10.79
C CYS A 102 8.81 -12.16 -10.41
N VAL A 103 8.34 -11.94 -9.19
CA VAL A 103 8.04 -10.63 -8.64
C VAL A 103 8.97 -10.42 -7.45
N ILE A 104 9.87 -9.45 -7.55
CA ILE A 104 10.86 -9.15 -6.53
C ILE A 104 10.56 -7.77 -5.96
N ALA A 105 10.47 -7.67 -4.63
CA ALA A 105 10.19 -6.37 -4.05
C ALA A 105 10.88 -6.24 -2.70
N TRP A 106 11.32 -5.02 -2.40
CA TRP A 106 12.09 -4.76 -1.19
C TRP A 106 11.82 -3.37 -0.66
N ASN A 107 11.91 -3.24 0.66
CA ASN A 107 11.60 -2.00 1.37
C ASN A 107 12.59 -0.90 0.98
N SER A 108 12.05 0.22 0.49
CA SER A 108 12.85 1.37 0.09
C SER A 108 12.47 2.61 0.90
N ASN A 109 12.25 2.42 2.20
CA ASN A 109 11.89 3.53 3.08
C ASN A 109 12.96 4.61 3.04
N ASN A 110 14.22 4.22 3.17
CA ASN A 110 15.28 5.21 3.35
C ASN A 110 15.55 6.02 2.08
N LEU A 111 14.94 5.67 0.95
CA LEU A 111 15.17 6.38 -0.30
C LEU A 111 13.95 7.15 -0.78
N ASP A 112 12.78 6.53 -0.77
CA ASP A 112 11.62 7.08 -1.45
C ASP A 112 10.63 7.79 -0.54
N SER A 113 10.89 7.87 0.76
CA SER A 113 9.98 8.51 1.70
C SER A 113 10.71 9.64 2.40
N LYS A 114 10.29 10.88 2.15
CA LYS A 114 10.87 12.03 2.82
C LYS A 114 9.88 12.61 3.85
N VAL A 115 10.43 13.39 4.78
CA VAL A 115 9.63 14.02 5.82
C VAL A 115 8.76 15.10 5.22
N GLY A 116 7.50 15.16 5.64
CA GLY A 116 6.52 15.99 4.98
C GLY A 116 5.93 15.39 3.72
N GLY A 117 6.38 14.19 3.34
CA GLY A 117 5.83 13.50 2.18
C GLY A 117 6.70 13.62 0.94
N ASN A 118 6.84 12.51 0.22
CA ASN A 118 7.44 12.50 -1.10
C ASN A 118 6.32 12.34 -2.11
N TYR A 119 6.14 13.36 -2.96
CA TYR A 119 4.99 13.44 -3.86
C TYR A 119 5.32 13.09 -5.30
N ASN A 120 6.55 12.68 -5.59
CA ASN A 120 6.94 12.39 -6.97
C ASN A 120 6.42 11.06 -7.47
N TYR A 121 5.93 10.20 -6.58
CA TYR A 121 5.45 8.86 -6.93
C TYR A 121 3.92 8.89 -6.97
N LEU A 122 3.36 8.68 -8.16
CA LEU A 122 1.92 8.71 -8.37
C LEU A 122 1.40 7.32 -8.74
N TYR A 123 0.11 7.10 -8.46
CA TYR A 123 -0.60 5.93 -8.94
C TYR A 123 -1.94 6.36 -9.51
N ARG A 124 -2.44 5.59 -10.47
CA ARG A 124 -3.71 5.90 -11.10
C ARG A 124 -4.84 5.45 -10.18
N LEU A 125 -5.73 6.37 -9.84
CA LEU A 125 -6.76 6.10 -8.85
C LEU A 125 -8.15 6.00 -9.43
N PHE A 126 -8.36 6.48 -10.65
CA PHE A 126 -9.66 6.38 -11.32
C PHE A 126 -9.45 5.89 -12.74
N ARG A 127 -10.38 5.05 -13.18
CA ARG A 127 -10.35 4.60 -14.56
C ARG A 127 -11.70 4.01 -14.88
N LYS A 128 -12.12 4.14 -16.15
CA LYS A 128 -13.43 3.68 -16.56
C LYS A 128 -13.49 2.16 -16.77
N SER A 129 -12.34 1.50 -16.83
CA SER A 129 -12.30 0.06 -17.06
C SER A 129 -10.97 -0.47 -16.57
N ASN A 130 -10.90 -1.79 -16.41
CA ASN A 130 -9.67 -2.42 -15.94
C ASN A 130 -8.66 -2.52 -17.08
N LEU A 131 -7.40 -2.67 -16.69
CA LEU A 131 -6.32 -2.79 -17.68
C LEU A 131 -6.23 -4.22 -18.19
N LYS A 132 -5.79 -4.36 -19.42
CA LYS A 132 -5.38 -5.68 -19.89
C LYS A 132 -4.00 -6.01 -19.33
N PRO A 133 -3.67 -7.28 -19.23
CA PRO A 133 -2.35 -7.65 -18.68
C PRO A 133 -1.22 -6.99 -19.45
N PHE A 134 -0.23 -6.51 -18.70
CA PHE A 134 0.97 -5.91 -19.26
C PHE A 134 0.68 -4.66 -20.09
N GLU A 135 -0.43 -3.99 -19.81
CA GLU A 135 -0.76 -2.72 -20.45
C GLU A 135 -0.42 -1.59 -19.49
N ARG A 136 0.13 -0.51 -20.03
CA ARG A 136 0.39 0.68 -19.24
C ARG A 136 -0.35 1.86 -19.84
N ASP A 137 -0.94 2.66 -18.97
CA ASP A 137 -1.67 3.86 -19.35
C ASP A 137 -0.95 5.04 -18.72
N ILE A 138 -0.69 6.07 -19.52
CA ILE A 138 -0.10 7.29 -18.99
C ILE A 138 -1.00 8.50 -19.26
N SER A 139 -2.28 8.23 -19.54
CA SER A 139 -3.24 9.28 -19.83
C SER A 139 -3.36 10.28 -18.68
N THR A 140 -3.77 11.50 -19.02
CA THR A 140 -4.04 12.55 -18.05
C THR A 140 -5.44 13.11 -18.21
N GLU A 141 -6.33 12.36 -18.86
CA GLU A 141 -7.68 12.84 -19.10
C GLU A 141 -8.47 12.87 -17.79
N ILE A 142 -9.37 13.83 -17.69
CA ILE A 142 -10.15 14.03 -16.48
C ILE A 142 -11.20 12.93 -16.38
N TYR A 143 -11.37 12.38 -15.18
CA TYR A 143 -12.28 11.26 -14.96
C TYR A 143 -13.67 11.81 -14.63
N GLN A 144 -14.66 11.41 -15.43
CA GLN A 144 -16.04 11.83 -15.21
C GLN A 144 -16.72 10.86 -14.26
N ALA A 145 -16.93 11.30 -13.02
CA ALA A 145 -17.61 10.49 -12.02
C ALA A 145 -19.10 10.79 -11.89
N GLY A 146 -19.57 11.90 -12.45
CA GLY A 146 -20.96 12.28 -12.38
C GLY A 146 -21.60 12.37 -13.75
N SER A 147 -22.89 12.69 -13.73
CA SER A 147 -23.63 12.83 -14.98
C SER A 147 -23.25 14.11 -15.73
N THR A 148 -22.89 15.16 -15.01
CA THR A 148 -22.43 16.38 -15.65
C THR A 148 -21.13 16.11 -16.40
N PRO A 149 -21.05 16.46 -17.69
CA PRO A 149 -19.81 16.25 -18.43
C PRO A 149 -18.69 17.12 -17.90
N CYS A 150 -17.46 16.71 -18.22
CA CYS A 150 -16.29 17.37 -17.67
C CYS A 150 -15.74 18.47 -18.56
N ASN A 151 -15.68 18.22 -19.88
CA ASN A 151 -15.04 19.11 -20.84
C ASN A 151 -13.60 19.45 -20.44
N GLY A 152 -12.87 18.46 -19.95
CA GLY A 152 -11.47 18.64 -19.62
C GLY A 152 -11.20 19.63 -18.51
N VAL A 153 -12.22 20.01 -17.73
CA VAL A 153 -12.05 20.93 -16.61
C VAL A 153 -12.22 20.14 -15.33
N GLU A 154 -11.22 20.23 -14.45
CA GLU A 154 -11.28 19.54 -13.18
C GLU A 154 -12.32 20.21 -12.27
N GLY A 155 -13.02 19.39 -11.50
CA GLY A 155 -14.06 19.90 -10.62
C GLY A 155 -14.40 18.90 -9.53
N PHE A 156 -15.52 19.15 -8.86
CA PHE A 156 -15.93 18.29 -7.76
C PHE A 156 -16.37 16.91 -8.23
N ASN A 157 -16.95 16.81 -9.43
CA ASN A 157 -17.35 15.53 -9.99
C ASN A 157 -16.39 15.06 -11.08
N CYS A 158 -15.35 15.84 -11.36
CA CYS A 158 -14.43 15.58 -12.47
C CYS A 158 -13.02 15.59 -11.89
N TYR A 159 -12.48 14.39 -11.66
CA TYR A 159 -11.26 14.22 -10.88
C TYR A 159 -10.03 14.16 -11.79
N PHE A 160 -8.91 14.62 -11.25
CA PHE A 160 -7.63 14.28 -11.84
C PHE A 160 -7.37 12.80 -11.58
N PRO A 161 -7.03 12.01 -12.61
CA PRO A 161 -7.05 10.55 -12.46
C PRO A 161 -5.93 9.97 -11.62
N LEU A 162 -4.86 10.71 -11.35
CA LEU A 162 -3.72 10.20 -10.61
C LEU A 162 -3.69 10.78 -9.20
N GLN A 163 -2.91 10.12 -8.33
CA GLN A 163 -2.83 10.51 -6.93
C GLN A 163 -1.43 10.24 -6.41
N SER A 164 -0.89 11.19 -5.66
CA SER A 164 0.43 10.99 -5.05
C SER A 164 0.34 10.03 -3.86
N TYR A 165 1.45 9.36 -3.60
CA TYR A 165 1.53 8.51 -2.41
C TYR A 165 1.81 9.34 -1.16
N GLY A 166 2.74 10.29 -1.26
CA GLY A 166 3.11 11.12 -0.13
C GLY A 166 3.76 10.30 0.95
N PHE A 167 4.81 9.58 0.59
CA PHE A 167 5.44 8.65 1.53
C PHE A 167 6.10 9.41 2.67
N GLN A 168 5.91 8.90 3.88
CA GLN A 168 6.52 9.43 5.09
C GLN A 168 7.16 8.27 5.85
N PRO A 169 8.38 8.45 6.36
CA PRO A 169 9.10 7.31 6.94
C PRO A 169 8.52 6.81 8.26
N THR A 170 7.61 7.54 8.88
CA THR A 170 7.06 7.16 10.18
C THR A 170 5.92 6.17 10.08
N ASN A 171 5.34 5.97 8.89
CA ASN A 171 4.21 5.07 8.75
C ASN A 171 4.64 3.63 9.05
N GLY A 172 3.64 2.78 9.23
CA GLY A 172 3.90 1.36 9.30
C GLY A 172 4.39 0.82 7.97
N VAL A 173 4.79 -0.46 7.99
CA VAL A 173 5.40 -1.04 6.81
C VAL A 173 4.40 -1.16 5.66
N GLY A 174 3.12 -1.37 5.97
CA GLY A 174 2.12 -1.48 4.92
C GLY A 174 1.96 -0.21 4.10
N TYR A 175 2.30 0.95 4.68
CA TYR A 175 2.22 2.24 4.02
C TYR A 175 3.58 2.73 3.54
N GLN A 176 4.60 1.94 3.68
CA GLN A 176 5.95 2.37 3.35
C GLN A 176 6.27 2.02 1.89
N PRO A 177 7.13 2.80 1.25
CA PRO A 177 7.43 2.55 -0.17
C PRO A 177 8.25 1.28 -0.37
N TYR A 178 7.83 0.48 -1.34
CA TYR A 178 8.52 -0.74 -1.75
C TYR A 178 8.87 -0.64 -3.22
N ARG A 179 10.13 -0.96 -3.55
CA ARG A 179 10.60 -0.98 -4.92
C ARG A 179 10.45 -2.38 -5.49
N VAL A 180 9.92 -2.47 -6.72
CA VAL A 180 9.47 -3.73 -7.30
C VAL A 180 10.06 -3.89 -8.69
N VAL A 181 10.50 -5.13 -8.98
CA VAL A 181 11.04 -5.55 -10.27
C VAL A 181 10.35 -6.86 -10.65
N VAL A 182 9.78 -6.90 -11.84
CA VAL A 182 9.04 -8.06 -12.32
C VAL A 182 9.82 -8.63 -13.50
N LEU A 183 10.35 -9.83 -13.33
CA LEU A 183 11.00 -10.55 -14.41
C LEU A 183 9.95 -11.37 -15.16
N SER A 184 9.87 -11.15 -16.47
CA SER A 184 8.91 -11.80 -17.35
C SER A 184 9.68 -12.62 -18.35
N PHE A 185 9.29 -13.89 -18.50
CA PHE A 185 10.05 -14.81 -19.33
C PHE A 185 9.24 -15.29 -20.52
N GLU A 186 9.98 -15.73 -21.53
CA GLU A 186 9.45 -16.20 -22.82
C GLU A 186 10.22 -17.47 -23.17
N LEU A 187 9.65 -18.62 -22.80
CA LEU A 187 10.34 -19.89 -23.02
C LEU A 187 10.44 -20.21 -24.50
N LEU A 188 11.53 -20.87 -24.86
CA LEU A 188 11.69 -21.39 -26.21
C LEU A 188 10.80 -22.61 -26.39
N HIS A 189 10.05 -22.63 -27.50
CA HIS A 189 9.34 -23.84 -27.91
C HIS A 189 10.34 -24.85 -28.44
N ALA A 190 10.56 -25.94 -27.71
CA ALA A 190 11.47 -26.97 -28.17
C ALA A 190 11.06 -28.30 -27.56
N PRO A 191 11.41 -29.42 -28.19
CA PRO A 191 11.30 -30.71 -27.52
C PRO A 191 12.16 -30.72 -26.26
N ALA A 192 11.86 -31.67 -25.38
CA ALA A 192 12.57 -31.72 -24.11
C ALA A 192 13.99 -32.27 -24.23
N THR A 193 14.30 -32.99 -25.32
CA THR A 193 15.68 -33.43 -25.53
C THR A 193 16.61 -32.28 -25.85
N VAL A 194 16.05 -31.14 -26.24
CA VAL A 194 16.83 -29.96 -26.57
C VAL A 194 17.12 -29.13 -25.32
N CYS A 195 16.09 -28.82 -24.54
CA CYS A 195 16.28 -27.95 -23.40
C CYS A 195 15.48 -28.45 -22.21
N GLY A 196 14.28 -27.92 -22.01
CA GLY A 196 13.43 -28.31 -20.91
C GLY A 196 13.18 -29.81 -20.81
N GLN B 4 -8.50 -19.04 -1.74
CA GLN B 4 -7.40 -18.21 -2.19
C GLN B 4 -6.11 -18.60 -1.47
N VAL B 5 -5.69 -17.77 -0.52
CA VAL B 5 -4.43 -17.93 0.20
C VAL B 5 -4.72 -17.96 1.69
N GLN B 6 -4.03 -18.84 2.42
CA GLN B 6 -4.22 -19.02 3.86
C GLN B 6 -2.88 -19.06 4.57
N LEU B 7 -2.74 -18.26 5.63
CA LEU B 7 -1.52 -18.15 6.42
C LEU B 7 -1.86 -18.30 7.90
N VAL B 8 -1.48 -19.43 8.50
CA VAL B 8 -1.90 -19.76 9.86
C VAL B 8 -0.66 -19.77 10.75
N GLU B 9 -0.55 -18.77 11.64
CA GLU B 9 0.53 -18.67 12.60
C GLU B 9 0.13 -19.23 13.95
N SER B 10 1.15 -19.59 14.74
CA SER B 10 0.94 -20.29 16.00
C SER B 10 2.25 -20.33 16.77
N GLY B 11 2.16 -20.79 18.02
CA GLY B 11 3.32 -20.96 18.88
C GLY B 11 3.48 -19.90 19.95
N GLY B 12 2.72 -18.81 19.88
CA GLY B 12 2.93 -17.68 20.78
C GLY B 12 2.23 -17.88 22.12
N ALA B 13 2.96 -17.55 23.19
CA ALA B 13 2.41 -17.59 24.54
C ALA B 13 3.07 -16.48 25.34
N LEU B 14 2.88 -16.53 26.66
CA LEU B 14 3.47 -15.56 27.58
C LEU B 14 4.74 -16.17 28.16
N VAL B 15 5.89 -15.57 27.86
CA VAL B 15 7.16 -16.02 28.43
C VAL B 15 7.73 -14.89 29.28
N GLN B 16 8.57 -15.28 30.22
CA GLN B 16 9.24 -14.31 31.07
C GLN B 16 10.47 -13.77 30.37
N PRO B 17 10.87 -12.53 30.67
CA PRO B 17 12.05 -11.93 30.03
C PRO B 17 13.27 -12.83 30.10
N GLY B 18 14.09 -12.77 29.05
CA GLY B 18 15.17 -13.70 28.85
C GLY B 18 14.80 -14.97 28.12
N GLY B 19 13.51 -15.32 28.11
CA GLY B 19 13.07 -16.61 27.62
C GLY B 19 13.19 -16.77 26.11
N SER B 20 12.80 -17.95 25.66
CA SER B 20 12.83 -18.36 24.27
C SER B 20 11.45 -18.78 23.81
N LEU B 21 11.24 -18.72 22.50
CA LEU B 21 9.97 -19.15 21.92
CA LEU B 21 9.99 -19.18 21.92
C LEU B 21 10.18 -19.48 20.45
N ARG B 22 9.61 -20.58 19.99
CA ARG B 22 9.68 -20.97 18.58
C ARG B 22 8.29 -20.81 17.98
N LEU B 23 8.12 -19.75 17.20
CA LEU B 23 6.86 -19.51 16.50
C LEU B 23 6.88 -20.21 15.15
N SER B 24 5.69 -20.52 14.63
CA SER B 24 5.56 -21.22 13.36
C SER B 24 4.42 -20.63 12.56
N CYS B 25 4.45 -20.85 11.25
CA CYS B 25 3.19 -20.76 10.52
C CYS B 25 3.22 -21.68 9.31
N VAL B 26 2.02 -22.12 8.95
CA VAL B 26 1.79 -22.99 7.80
C VAL B 26 1.08 -22.17 6.73
N ALA B 27 1.55 -22.30 5.50
CA ALA B 27 1.02 -21.56 4.37
C ALA B 27 0.33 -22.51 3.40
N SER B 28 -0.69 -21.99 2.72
CA SER B 28 -1.43 -22.77 1.73
C SER B 28 -2.01 -21.81 0.70
N GLY B 29 -2.23 -22.33 -0.51
CA GLY B 29 -2.79 -21.55 -1.59
C GLY B 29 -1.83 -21.16 -2.69
N PHE B 30 -0.59 -21.64 -2.64
CA PHE B 30 0.44 -21.28 -3.61
C PHE B 30 1.64 -22.18 -3.39
N THR B 31 2.47 -22.31 -4.43
CA THR B 31 3.64 -23.17 -4.37
C THR B 31 4.66 -22.57 -3.39
N PHE B 32 4.72 -23.15 -2.18
CA PHE B 32 5.57 -22.64 -1.12
C PHE B 32 7.05 -22.71 -1.48
N SER B 33 7.49 -23.85 -2.02
CA SER B 33 8.89 -24.10 -2.36
C SER B 33 9.46 -22.99 -3.24
N SER B 34 8.59 -22.13 -3.77
CA SER B 34 8.94 -21.17 -4.80
C SER B 34 8.79 -19.73 -4.35
N PHE B 35 8.46 -19.48 -3.07
CA PHE B 35 8.25 -18.15 -2.53
C PHE B 35 9.26 -17.88 -1.42
N ALA B 36 9.65 -16.62 -1.25
CA ALA B 36 10.44 -16.19 -0.11
C ALA B 36 9.52 -15.56 0.94
N MET B 37 9.75 -15.92 2.20
CA MET B 37 8.85 -15.64 3.31
C MET B 37 9.43 -14.62 4.27
N GLY B 38 8.55 -13.76 4.80
CA GLY B 38 8.99 -12.79 5.80
C GLY B 38 8.19 -12.88 7.07
N TRP B 39 8.76 -12.36 8.16
CA TRP B 39 8.08 -12.23 9.45
C TRP B 39 7.94 -10.75 9.76
N TYR B 40 6.81 -10.40 10.37
CA TYR B 40 6.49 -9.03 10.74
C TYR B 40 5.81 -9.06 12.10
N ARG B 41 5.74 -7.89 12.76
CA ARG B 41 5.10 -7.83 14.06
C ARG B 41 4.38 -6.49 14.23
N GLN B 42 3.28 -6.53 15.00
CA GLN B 42 2.38 -5.40 15.23
C GLN B 42 2.13 -5.27 16.73
N ALA B 43 2.47 -4.11 17.30
CA ALA B 43 2.27 -3.91 18.72
C ALA B 43 1.12 -2.95 18.98
N PRO B 44 0.39 -3.14 20.08
CA PRO B 44 -0.74 -2.25 20.37
C PRO B 44 -0.28 -0.81 20.54
N GLY B 45 -0.95 0.10 19.84
CA GLY B 45 -0.55 1.49 19.83
C GLY B 45 0.67 1.79 19.00
N LYS B 46 1.08 0.85 18.15
CA LYS B 46 2.25 1.02 17.29
C LYS B 46 1.91 0.54 15.89
N GLU B 47 2.89 0.62 14.99
CA GLU B 47 2.73 0.28 13.59
C GLU B 47 3.38 -1.07 13.30
N CYS B 48 2.94 -1.69 12.20
CA CYS B 48 3.51 -2.96 11.78
C CYS B 48 4.95 -2.75 11.30
N GLU B 49 5.86 -3.61 11.75
CA GLU B 49 7.26 -3.52 11.35
C GLU B 49 7.77 -4.88 10.87
N TRP B 50 8.82 -4.83 10.05
CA TRP B 50 9.44 -6.01 9.50
C TRP B 50 10.45 -6.59 10.48
N VAL B 51 10.47 -7.92 10.59
CA VAL B 51 11.31 -8.62 11.56
C VAL B 51 12.42 -9.42 10.89
N ALA B 52 12.06 -10.33 9.97
CA ALA B 52 13.04 -11.22 9.37
C ALA B 52 12.60 -11.67 7.99
N THR B 53 13.58 -11.98 7.14
CA THR B 53 13.37 -12.44 5.77
C THR B 53 14.27 -13.63 5.50
N ILE B 54 13.74 -14.62 4.78
CA ILE B 54 14.48 -15.83 4.40
C ILE B 54 14.28 -16.09 2.91
N THR B 55 15.35 -16.50 2.23
CA THR B 55 15.29 -16.74 0.80
C THR B 55 14.43 -17.98 0.50
N ILE B 56 14.24 -18.21 -0.79
CA ILE B 56 13.46 -19.37 -1.23
C ILE B 56 14.08 -20.65 -0.72
N THR B 57 15.40 -20.76 -0.80
CA THR B 57 16.13 -21.96 -0.41
C THR B 57 16.53 -21.95 1.06
N GLY B 58 16.27 -20.86 1.77
CA GLY B 58 16.77 -20.75 3.13
C GLY B 58 18.26 -20.55 3.24
N GLY B 59 18.93 -20.22 2.14
CA GLY B 59 20.38 -20.11 2.17
C GLY B 59 20.86 -18.83 2.84
N SER B 60 20.20 -17.72 2.59
CA SER B 60 20.53 -16.46 3.24
C SER B 60 19.36 -16.00 4.09
N THR B 61 19.65 -15.13 5.04
CA THR B 61 18.66 -14.62 5.97
C THR B 61 19.01 -13.18 6.31
N ASN B 62 17.99 -12.34 6.43
CA ASN B 62 18.17 -10.95 6.82
C ASN B 62 17.31 -10.66 8.03
N TYR B 63 17.82 -9.81 8.92
CA TYR B 63 17.16 -9.52 10.18
C TYR B 63 17.13 -8.01 10.42
N ALA B 64 16.24 -7.59 11.31
CA ALA B 64 16.09 -6.20 11.66
C ALA B 64 17.04 -5.86 12.79
N ASP B 65 17.50 -4.61 12.81
CA ASP B 65 18.51 -4.20 13.78
C ASP B 65 18.02 -4.42 15.22
N SER B 66 16.71 -4.32 15.45
CA SER B 66 16.17 -4.50 16.80
C SER B 66 16.17 -5.95 17.25
N VAL B 67 16.37 -6.90 16.35
CA VAL B 67 16.42 -8.32 16.69
C VAL B 67 17.72 -8.99 16.28
N LYS B 68 18.60 -8.28 15.58
CA LYS B 68 19.85 -8.85 15.08
C LYS B 68 20.60 -9.58 16.18
N GLY B 69 20.91 -10.85 15.95
CA GLY B 69 21.62 -11.68 16.90
C GLY B 69 20.74 -12.46 17.86
N ARG B 70 19.53 -11.97 18.15
CA ARG B 70 18.65 -12.66 19.09
C ARG B 70 17.67 -13.60 18.39
N PHE B 71 17.31 -13.33 17.14
CA PHE B 71 16.30 -14.09 16.42
C PHE B 71 16.93 -14.90 15.28
N THR B 72 16.21 -15.93 14.85
CA THR B 72 16.64 -16.76 13.74
C THR B 72 15.41 -17.20 12.96
N ILE B 73 15.44 -17.07 11.64
CA ILE B 73 14.33 -17.48 10.78
C ILE B 73 14.76 -18.70 9.99
N SER B 74 13.85 -19.68 9.86
CA SER B 74 14.13 -20.94 9.19
C SER B 74 12.90 -21.39 8.41
N ARG B 75 13.10 -22.40 7.56
CA ARG B 75 12.07 -22.79 6.60
C ARG B 75 12.13 -24.29 6.35
N ASP B 76 10.97 -24.95 6.38
CA ASP B 76 10.84 -26.35 5.99
C ASP B 76 9.82 -26.41 4.85
N ASN B 77 10.34 -26.65 3.64
CA ASN B 77 9.49 -26.72 2.45
C ASN B 77 8.69 -28.01 2.42
N ALA B 78 9.19 -29.06 3.06
CA ALA B 78 8.47 -30.33 3.11
C ALA B 78 7.19 -30.22 3.93
N LYS B 79 7.06 -29.19 4.77
CA LYS B 79 5.88 -29.00 5.59
C LYS B 79 5.19 -27.68 5.33
N ASN B 80 5.61 -26.94 4.31
CA ASN B 80 5.10 -25.59 4.04
C ASN B 80 5.04 -24.78 5.32
N THR B 81 6.16 -24.76 6.05
CA THR B 81 6.18 -24.10 7.34
C THR B 81 7.41 -23.20 7.44
N VAL B 82 7.22 -22.03 8.03
CA VAL B 82 8.39 -21.23 8.41
C VAL B 82 8.38 -21.06 9.92
N TYR B 83 9.59 -21.03 10.47
CA TYR B 83 9.82 -20.96 11.91
C TYR B 83 10.58 -19.70 12.26
N LEU B 84 10.26 -19.13 13.42
CA LEU B 84 11.00 -18.02 13.99
C LEU B 84 11.40 -18.39 15.41
N GLN B 85 12.68 -18.70 15.60
CA GLN B 85 13.22 -18.90 16.94
C GLN B 85 13.57 -17.55 17.54
N MET B 86 13.13 -17.31 18.77
CA MET B 86 13.31 -16.04 19.47
C MET B 86 14.04 -16.32 20.76
N ASN B 87 15.23 -15.74 20.91
CA ASN B 87 16.06 -15.89 22.09
C ASN B 87 16.26 -14.54 22.75
N SER B 88 16.47 -14.58 24.07
CA SER B 88 16.71 -13.38 24.89
C SER B 88 15.63 -12.33 24.65
N LEU B 89 14.40 -12.68 25.03
CA LEU B 89 13.26 -11.84 24.73
C LEU B 89 13.21 -10.62 25.65
N LYS B 90 13.05 -9.44 25.04
CA LYS B 90 12.85 -8.15 25.68
C LYS B 90 11.37 -7.91 25.89
N PRO B 91 10.99 -7.04 26.83
CA PRO B 91 9.57 -6.67 26.95
C PRO B 91 9.07 -5.94 25.71
N GLU B 92 9.99 -5.36 24.95
CA GLU B 92 9.65 -4.59 23.76
C GLU B 92 9.26 -5.48 22.60
N ASP B 93 9.56 -6.78 22.67
CA ASP B 93 9.15 -7.73 21.64
C ASP B 93 7.71 -8.18 21.78
N THR B 94 6.99 -7.71 22.80
CA THR B 94 5.60 -8.09 22.99
C THR B 94 4.76 -7.49 21.88
N ALA B 95 4.17 -8.35 21.04
CA ALA B 95 3.42 -7.94 19.88
C ALA B 95 2.76 -9.16 19.27
N VAL B 96 1.86 -8.93 18.32
CA VAL B 96 1.26 -9.99 17.52
C VAL B 96 2.13 -10.22 16.30
N TYR B 97 2.56 -11.45 16.10
CA TYR B 97 3.52 -11.82 15.07
C TYR B 97 2.80 -12.47 13.90
N TYR B 98 3.18 -12.05 12.70
CA TYR B 98 2.54 -12.42 11.45
C TYR B 98 3.61 -12.91 10.48
N CYS B 99 3.25 -13.84 9.60
CA CYS B 99 4.13 -14.33 8.55
CA CYS B 99 4.15 -14.26 8.55
C CYS B 99 3.49 -14.06 7.20
N ASN B 100 4.31 -13.65 6.23
CA ASN B 100 3.75 -13.19 4.96
C ASN B 100 4.78 -13.20 3.83
N PRO B 101 4.45 -13.78 2.67
CA PRO B 101 5.34 -13.66 1.51
C PRO B 101 5.39 -12.26 0.95
N ASP B 102 4.39 -11.44 1.26
CA ASP B 102 4.26 -10.04 0.90
C ASP B 102 4.46 -9.19 2.16
N PRO B 103 4.56 -7.88 2.03
CA PRO B 103 4.66 -7.04 3.22
C PRO B 103 3.32 -6.89 3.94
N GLY B 104 3.39 -6.63 5.24
CA GLY B 104 2.24 -6.25 6.02
C GLY B 104 1.98 -7.18 7.19
N CYS B 105 1.07 -6.74 8.05
CA CYS B 105 0.51 -7.52 9.15
C CYS B 105 -0.94 -7.88 8.84
N ARG B 106 -1.58 -8.54 9.81
CA ARG B 106 -3.03 -8.76 9.82
C ARG B 106 -3.54 -9.58 8.63
N ARG B 107 -2.65 -10.04 7.75
CA ARG B 107 -3.09 -10.89 6.65
C ARG B 107 -3.64 -12.21 7.18
N GLY B 108 -2.78 -12.99 7.84
CA GLY B 108 -3.25 -14.08 8.67
C GLY B 108 -3.77 -13.58 10.00
N GLN B 109 -4.27 -14.51 10.82
CA GLN B 109 -4.73 -14.15 12.14
C GLN B 109 -3.59 -13.76 13.08
N GLY B 110 -2.36 -14.19 12.77
CA GLY B 110 -1.21 -13.92 13.61
C GLY B 110 -1.25 -14.69 14.91
N THR B 111 -0.18 -14.59 15.70
CA THR B 111 -0.16 -15.19 17.03
C THR B 111 0.46 -14.19 18.01
N GLN B 112 -0.05 -14.18 19.24
CA GLN B 112 0.31 -13.15 20.20
C GLN B 112 1.51 -13.60 21.02
N VAL B 113 2.47 -12.70 21.22
CA VAL B 113 3.65 -12.97 22.03
C VAL B 113 3.74 -11.88 23.10
N THR B 114 3.67 -12.28 24.37
CA THR B 114 3.71 -11.34 25.49
C THR B 114 4.92 -11.68 26.36
N VAL B 115 5.90 -10.78 26.36
CA VAL B 115 7.07 -10.89 27.21
C VAL B 115 6.81 -10.00 28.43
N SER B 116 6.40 -10.63 29.53
CA SER B 116 6.12 -9.91 30.76
C SER B 116 6.68 -10.70 31.94
N SER B 117 7.11 -9.98 32.98
CA SER B 117 7.57 -10.60 34.20
C SER B 117 6.52 -10.44 35.29
N GLU C 2 -0.91 8.23 15.64
CA GLU C 2 -0.07 9.42 15.70
C GLU C 2 -0.75 10.62 15.06
N VAL C 3 -1.81 10.37 14.29
CA VAL C 3 -2.53 11.40 13.57
C VAL C 3 -4.02 11.16 13.78
N GLN C 4 -4.71 12.12 14.41
CA GLN C 4 -6.09 11.93 14.84
C GLN C 4 -6.97 13.07 14.35
N LEU C 5 -8.22 12.73 14.06
CA LEU C 5 -9.24 13.65 13.56
C LEU C 5 -10.52 13.46 14.37
N VAL C 6 -10.92 14.48 15.11
CA VAL C 6 -12.08 14.41 15.99
C VAL C 6 -13.13 15.39 15.49
N GLU C 7 -14.35 14.91 15.31
CA GLU C 7 -15.46 15.73 14.86
C GLU C 7 -16.32 16.15 16.03
N SER C 8 -16.89 17.35 15.93
CA SER C 8 -17.73 17.91 16.97
C SER C 8 -18.85 18.71 16.31
N GLY C 9 -19.94 18.89 17.05
CA GLY C 9 -20.98 19.80 16.65
C GLY C 9 -22.23 19.16 16.12
N GLY C 10 -22.21 17.86 15.81
CA GLY C 10 -23.39 17.22 15.26
C GLY C 10 -24.49 17.05 16.29
N ASP C 11 -25.72 17.35 15.87
CA ASP C 11 -26.88 17.24 16.74
C ASP C 11 -28.11 16.98 15.87
N SER C 12 -29.28 17.21 16.44
CA SER C 12 -30.56 17.04 15.75
C SER C 12 -31.25 18.40 15.69
N VAL C 13 -31.52 18.87 14.47
CA VAL C 13 -32.12 20.18 14.29
C VAL C 13 -33.37 20.06 13.43
N GLN C 14 -33.87 21.19 12.95
CA GLN C 14 -35.08 21.27 12.15
C GLN C 14 -34.80 22.03 10.86
N PRO C 15 -35.60 21.81 9.82
CA PRO C 15 -35.36 22.45 8.52
C PRO C 15 -35.22 23.96 8.61
N GLY C 16 -34.21 24.49 7.90
CA GLY C 16 -33.87 25.89 7.94
C GLY C 16 -32.83 26.26 8.98
N ASP C 17 -32.67 25.45 10.02
CA ASP C 17 -31.70 25.74 11.06
C ASP C 17 -30.28 25.66 10.50
N SER C 18 -29.33 25.93 11.37
CA SER C 18 -27.93 26.06 11.00
C SER C 18 -27.07 25.38 12.04
N LEU C 19 -26.04 24.67 11.59
CA LEU C 19 -25.06 24.03 12.47
C LEU C 19 -23.65 24.35 12.05
N ARG C 20 -22.74 24.21 13.02
CA ARG C 20 -21.30 24.33 12.76
C ARG C 20 -20.63 23.06 13.26
N LEU C 21 -19.92 22.38 12.36
CA LEU C 21 -19.12 21.22 12.71
C LEU C 21 -17.65 21.61 12.82
N SER C 22 -16.94 20.98 13.75
CA SER C 22 -15.52 21.25 14.00
C SER C 22 -14.71 19.98 13.82
N CYS C 23 -13.47 20.16 13.36
CA CYS C 23 -12.51 19.08 13.23
C CYS C 23 -11.18 19.52 13.84
N ALA C 24 -10.66 18.71 14.77
CA ALA C 24 -9.46 19.03 15.54
C ALA C 24 -8.26 18.31 14.93
N ILE C 25 -7.36 19.08 14.32
CA ILE C 25 -6.16 18.53 13.71
C ILE C 25 -5.14 18.21 14.80
N SER C 26 -4.46 17.06 14.67
CA SER C 26 -3.55 16.63 15.71
C SER C 26 -2.51 15.67 15.12
N GLY C 27 -1.50 16.23 14.47
CA GLY C 27 -0.34 15.45 14.11
C GLY C 27 0.15 15.61 12.68
N PHE C 28 -0.47 16.49 11.91
CA PHE C 28 -0.07 16.66 10.51
C PHE C 28 1.38 17.05 10.32
N THR C 29 2.09 16.18 9.62
CA THR C 29 3.41 16.44 9.08
C THR C 29 3.38 16.72 7.58
N LEU C 30 2.26 16.41 6.92
CA LEU C 30 2.22 16.51 5.46
C LEU C 30 2.32 17.95 5.01
N ASP C 31 3.35 18.24 4.21
CA ASP C 31 3.56 19.59 3.70
C ASP C 31 2.40 20.05 2.82
N TYR C 32 1.91 19.17 1.96
CA TYR C 32 0.88 19.53 0.99
C TYR C 32 -0.25 18.51 1.07
N TYR C 33 -1.46 18.97 1.35
CA TYR C 33 -2.54 18.07 1.76
C TYR C 33 -3.88 18.61 1.27
N THR C 34 -4.93 17.82 1.51
CA THR C 34 -6.31 18.18 1.20
C THR C 34 -7.18 17.73 2.37
N ILE C 35 -7.87 18.69 3.02
CA ILE C 35 -8.77 18.43 4.15
C ILE C 35 -10.20 18.55 3.66
N GLY C 36 -11.09 17.69 4.18
CA GLY C 36 -12.43 17.73 3.67
C GLY C 36 -13.47 17.16 4.61
N TRP C 37 -14.70 17.56 4.37
CA TRP C 37 -15.89 17.03 5.03
C TRP C 37 -16.64 16.16 4.03
N PHE C 38 -16.89 14.90 4.43
CA PHE C 38 -17.65 13.92 3.66
C PHE C 38 -18.86 13.50 4.47
N ARG C 39 -19.89 13.00 3.80
CA ARG C 39 -21.08 12.56 4.51
C ARG C 39 -21.57 11.22 4.01
N GLN C 40 -22.07 10.41 4.95
CA GLN C 40 -22.57 9.06 4.74
C GLN C 40 -24.04 9.02 5.14
N ALA C 41 -24.91 8.68 4.20
CA ALA C 41 -26.30 8.46 4.56
C ALA C 41 -26.53 7.00 4.93
N PRO C 42 -27.55 6.70 5.75
CA PRO C 42 -27.80 5.30 6.12
C PRO C 42 -28.10 4.42 4.91
N GLY C 43 -27.21 3.48 4.63
CA GLY C 43 -27.35 2.59 3.50
C GLY C 43 -26.65 3.07 2.24
N LYS C 44 -26.63 4.37 1.99
CA LYS C 44 -26.02 4.91 0.79
C LYS C 44 -24.50 4.96 0.94
N GLU C 45 -23.82 5.55 -0.04
CA GLU C 45 -22.37 5.58 -0.09
C GLU C 45 -21.82 6.87 0.52
N ARG C 46 -20.61 6.77 1.04
CA ARG C 46 -19.90 7.90 1.66
C ARG C 46 -19.41 8.84 0.57
N GLU C 47 -20.05 9.99 0.41
CA GLU C 47 -19.75 10.93 -0.67
C GLU C 47 -19.21 12.24 -0.09
N GLY C 48 -18.62 13.04 -0.97
CA GLY C 48 -17.92 14.24 -0.55
C GLY C 48 -18.82 15.46 -0.51
N VAL C 49 -18.58 16.31 0.50
CA VAL C 49 -19.34 17.54 0.72
C VAL C 49 -18.51 18.76 0.37
N SER C 50 -17.35 18.92 1.00
CA SER C 50 -16.54 20.10 0.72
C SER C 50 -15.09 19.78 1.04
N CYS C 51 -14.18 20.55 0.42
CA CYS C 51 -12.75 20.34 0.62
C CYS C 51 -12.01 21.66 0.51
N ILE C 52 -10.85 21.71 1.18
CA ILE C 52 -9.92 22.82 1.07
C ILE C 52 -8.52 22.23 0.95
N GLY C 53 -7.74 22.74 0.01
CA GLY C 53 -6.39 22.25 -0.24
C GLY C 53 -5.34 23.18 0.34
N SER C 54 -4.24 22.58 0.84
CA SER C 54 -3.21 23.37 1.49
C SER C 54 -2.61 24.39 0.54
N SER C 55 -2.40 24.00 -0.72
CA SER C 55 -2.02 24.97 -1.74
C SER C 55 -3.20 25.84 -2.09
N ASP C 56 -2.94 27.13 -2.33
CA ASP C 56 -3.97 28.08 -2.74
C ASP C 56 -5.03 28.33 -1.67
N SER C 57 -5.22 27.37 -0.75
CA SER C 57 -6.31 27.40 0.23
C SER C 57 -7.66 27.60 -0.46
N SER C 58 -7.84 26.91 -1.58
CA SER C 58 -9.03 27.03 -2.40
C SER C 58 -10.12 26.09 -1.91
N THR C 59 -11.37 26.54 -2.01
CA THR C 59 -12.53 25.83 -1.49
C THR C 59 -13.32 25.21 -2.63
N SER C 60 -13.86 24.01 -2.37
CA SER C 60 -14.63 23.25 -3.34
C SER C 60 -15.87 22.69 -2.65
N TYR C 61 -17.01 22.76 -3.33
CA TYR C 61 -18.30 22.36 -2.75
C TYR C 61 -19.09 21.51 -3.73
N ALA C 62 -19.75 20.49 -3.19
CA ALA C 62 -20.68 19.72 -4.01
C ALA C 62 -21.81 20.61 -4.51
N ASP C 63 -22.50 20.13 -5.54
CA ASP C 63 -23.60 20.91 -6.11
C ASP C 63 -24.71 21.11 -5.11
N ALA C 64 -25.06 20.06 -4.36
CA ALA C 64 -26.22 20.10 -3.49
C ALA C 64 -26.07 21.10 -2.35
N VAL C 65 -24.86 21.57 -2.05
CA VAL C 65 -24.62 22.40 -0.88
C VAL C 65 -24.07 23.78 -1.24
N LYS C 66 -23.95 24.12 -2.52
CA LYS C 66 -23.35 25.39 -2.90
C LYS C 66 -24.16 26.57 -2.37
N GLY C 67 -23.46 27.51 -1.72
CA GLY C 67 -24.07 28.68 -1.15
C GLY C 67 -24.65 28.46 0.24
N ARG C 68 -25.10 27.24 0.53
CA ARG C 68 -25.62 26.93 1.87
C ARG C 68 -24.50 26.62 2.84
N PHE C 69 -23.49 25.87 2.41
CA PHE C 69 -22.40 25.46 3.28
C PHE C 69 -21.14 26.25 2.97
N THR C 70 -20.25 26.28 3.96
CA THR C 70 -18.99 27.00 3.84
C THR C 70 -17.94 26.28 4.68
N ILE C 71 -16.75 26.06 4.11
CA ILE C 71 -15.66 25.44 4.83
C ILE C 71 -14.60 26.49 5.16
N SER C 72 -13.93 26.30 6.28
CA SER C 72 -12.92 27.28 6.71
C SER C 72 -11.93 26.60 7.63
N SER C 73 -10.80 27.26 7.84
CA SER C 73 -9.75 26.67 8.67
C SER C 73 -9.08 27.74 9.51
N ASP C 74 -8.68 27.35 10.71
CA ASP C 74 -7.73 28.10 11.52
C ASP C 74 -6.52 27.19 11.66
N ASN C 75 -5.53 27.38 10.79
CA ASN C 75 -4.29 26.62 10.89
C ASN C 75 -3.51 26.98 12.14
N ALA C 76 -3.71 28.20 12.65
CA ALA C 76 -3.15 28.56 13.95
C ALA C 76 -3.64 27.60 15.03
N LYS C 77 -4.95 27.46 15.17
CA LYS C 77 -5.55 26.55 16.12
C LYS C 77 -5.58 25.12 15.61
N ASN C 78 -5.19 24.88 14.37
CA ASN C 78 -5.29 23.57 13.73
C ASN C 78 -6.68 22.98 13.92
N THR C 79 -7.68 23.71 13.40
CA THR C 79 -9.05 23.23 13.36
C THR C 79 -9.67 23.60 12.02
N VAL C 80 -10.64 22.79 11.61
CA VAL C 80 -11.33 22.98 10.35
C VAL C 80 -12.83 22.98 10.62
N TYR C 81 -13.49 24.07 10.25
CA TYR C 81 -14.90 24.30 10.55
C TYR C 81 -15.72 24.14 9.28
N LEU C 82 -16.98 23.72 9.46
CA LEU C 82 -17.95 23.62 8.37
C LEU C 82 -19.26 24.23 8.83
N GLN C 83 -19.66 25.34 8.20
CA GLN C 83 -20.92 26.00 8.49
C GLN C 83 -21.98 25.50 7.53
N MET C 84 -23.13 25.10 8.09
CA MET C 84 -24.24 24.51 7.37
C MET C 84 -25.48 25.35 7.62
N ASN C 85 -25.91 26.08 6.59
CA ASN C 85 -27.08 26.95 6.68
C ASN C 85 -28.22 26.37 5.86
N ASN C 86 -29.45 26.74 6.23
CA ASN C 86 -30.65 26.27 5.56
C ASN C 86 -30.64 24.75 5.45
N LEU C 87 -30.47 24.11 6.60
CA LEU C 87 -30.39 22.65 6.63
C LEU C 87 -31.68 22.03 6.09
N LYS C 88 -31.51 21.01 5.26
CA LYS C 88 -32.59 20.27 4.63
C LYS C 88 -32.68 18.88 5.23
N PRO C 89 -33.86 18.23 5.14
CA PRO C 89 -33.95 16.85 5.64
C PRO C 89 -33.01 15.88 4.94
N GLU C 90 -32.74 16.10 3.65
CA GLU C 90 -31.84 15.22 2.92
C GLU C 90 -30.38 15.43 3.28
N ASP C 91 -30.07 16.42 4.10
CA ASP C 91 -28.70 16.57 4.59
C ASP C 91 -28.43 15.67 5.80
N THR C 92 -29.42 14.91 6.26
CA THR C 92 -29.28 14.08 7.44
C THR C 92 -28.31 12.93 7.16
N ALA C 93 -27.22 12.88 7.90
CA ALA C 93 -26.16 11.93 7.62
C ALA C 93 -25.11 12.00 8.71
N VAL C 94 -24.15 11.08 8.63
CA VAL C 94 -22.97 11.11 9.48
C VAL C 94 -21.89 11.89 8.75
N TYR C 95 -21.29 12.86 9.43
CA TYR C 95 -20.31 13.73 8.80
C TYR C 95 -18.93 13.39 9.32
N TYR C 96 -18.04 13.05 8.40
CA TYR C 96 -16.68 12.64 8.68
C TYR C 96 -15.71 13.72 8.20
N CYS C 97 -14.64 13.90 8.98
CA CYS C 97 -13.52 14.75 8.62
C CYS C 97 -12.41 13.85 8.11
N ALA C 98 -12.00 14.06 6.86
CA ALA C 98 -10.96 13.25 6.24
C ALA C 98 -9.86 14.15 5.69
N ALA C 99 -8.73 13.54 5.37
CA ALA C 99 -7.59 14.29 4.88
C ALA C 99 -6.61 13.36 4.17
N GLY C 100 -5.89 13.92 3.20
CA GLY C 100 -4.93 13.13 2.45
C GLY C 100 -3.86 13.96 1.76
N PRO C 101 -2.92 13.29 1.11
CA PRO C 101 -1.92 14.02 0.33
C PRO C 101 -2.56 14.66 -0.90
N ALA C 102 -1.94 15.74 -1.36
CA ALA C 102 -2.29 16.30 -2.65
C ALA C 102 -1.43 15.68 -3.74
N THR C 103 -1.90 15.80 -4.98
CA THR C 103 -1.27 15.19 -6.13
C THR C 103 -0.44 16.22 -6.90
N TYR C 104 0.72 15.80 -7.39
CA TYR C 104 1.73 16.71 -7.95
C TYR C 104 2.14 16.18 -9.32
N TYR C 105 1.68 16.84 -10.37
CA TYR C 105 1.94 16.40 -11.74
C TYR C 105 2.24 17.61 -12.61
N GLY C 106 3.34 17.55 -13.34
CA GLY C 106 3.69 18.65 -14.24
C GLY C 106 3.74 19.99 -13.54
N GLY C 107 4.26 20.02 -12.31
CA GLY C 107 4.40 21.24 -11.54
C GLY C 107 3.15 21.68 -10.80
N ASN C 108 1.97 21.25 -11.23
CA ASN C 108 0.72 21.70 -10.66
C ASN C 108 0.32 20.81 -9.49
N TRP C 109 -0.58 21.33 -8.65
CA TRP C 109 -1.12 20.62 -7.50
C TRP C 109 -2.60 20.34 -7.69
N HIS C 110 -3.03 19.13 -7.40
CA HIS C 110 -4.41 18.69 -7.57
C HIS C 110 -4.98 18.23 -6.24
N HIS C 111 -6.16 18.73 -5.90
CA HIS C 111 -6.83 18.44 -4.62
C HIS C 111 -8.18 17.80 -4.90
N THR C 112 -8.17 16.58 -5.43
CA THR C 112 -9.43 15.91 -5.70
C THR C 112 -10.10 15.54 -4.39
N CYS C 113 -11.42 15.74 -4.34
CA CYS C 113 -12.22 15.59 -3.11
C CYS C 113 -13.11 14.36 -3.22
N HIS C 114 -12.50 13.20 -3.04
CA HIS C 114 -13.18 11.91 -3.05
C HIS C 114 -12.66 11.10 -1.87
N ALA C 115 -13.48 10.15 -1.40
CA ALA C 115 -13.03 9.35 -0.26
C ALA C 115 -11.84 8.48 -0.63
N ASN C 116 -11.72 8.08 -1.89
CA ASN C 116 -10.61 7.22 -2.27
C ASN C 116 -9.26 7.93 -2.21
N ALA C 117 -9.23 9.25 -2.06
CA ALA C 117 -8.00 10.02 -2.01
C ALA C 117 -7.65 10.49 -0.61
N MET C 118 -8.29 9.95 0.42
CA MET C 118 -8.03 10.31 1.80
C MET C 118 -7.33 9.15 2.50
N HIS C 119 -6.32 9.47 3.31
CA HIS C 119 -5.58 8.46 4.05
C HIS C 119 -5.88 8.49 5.55
N TYR C 120 -6.53 9.53 6.04
CA TYR C 120 -6.78 9.72 7.46
C TYR C 120 -8.25 10.08 7.66
N TRP C 121 -8.92 9.38 8.57
CA TRP C 121 -10.36 9.52 8.75
C TRP C 121 -10.71 9.77 10.19
N GLY C 122 -11.74 10.60 10.40
CA GLY C 122 -12.32 10.78 11.71
C GLY C 122 -13.44 9.77 11.94
N LYS C 123 -13.96 9.80 13.16
CA LYS C 123 -14.99 8.85 13.55
C LYS C 123 -16.37 9.25 13.06
N GLY C 124 -16.67 10.55 13.02
CA GLY C 124 -17.92 11.06 12.47
C GLY C 124 -18.83 11.61 13.55
N THR C 125 -19.83 12.36 13.09
CA THR C 125 -20.86 12.87 14.00
C THR C 125 -22.19 13.00 13.27
N LEU C 126 -23.28 12.59 13.94
CA LEU C 126 -24.62 12.71 13.36
C LEU C 126 -25.09 14.15 13.20
N VAL C 127 -25.68 14.41 12.03
CA VAL C 127 -26.55 15.56 11.81
C VAL C 127 -27.90 15.02 11.38
N THR C 128 -28.96 15.49 12.02
CA THR C 128 -30.32 15.03 11.75
C THR C 128 -31.23 16.23 11.57
N VAL C 129 -32.07 16.19 10.54
CA VAL C 129 -32.99 17.28 10.22
C VAL C 129 -34.39 16.72 10.18
N SER C 130 -35.25 17.14 11.11
CA SER C 130 -36.59 16.59 11.26
C SER C 130 -37.52 17.65 11.85
N GLU C 131 -38.82 17.38 11.75
CA GLU C 131 -39.88 18.27 12.24
C GLU C 131 -39.85 19.64 11.58
#